data_4BLW
#
_entry.id   4BLW
#
_cell.length_a   46.590
_cell.length_b   77.060
_cell.length_c   84.370
_cell.angle_alpha   90.00
_cell.angle_beta   99.50
_cell.angle_gamma   90.00
#
_symmetry.space_group_name_H-M   'P 1 21 1'
#
loop_
_entity.id
_entity.type
_entity.pdbx_description
1 polymer 'RIBOSOMAL RNA LARGE SUBUNIT METHYLTRANSFERASE J'
2 non-polymer 'ADENOSINE MONOPHOSPHATE'
3 non-polymer S-ADENOSYL-L-HOMOCYSTEINE
4 non-polymer GLYCEROL
5 non-polymer 1,2-ETHANEDIOL
6 non-polymer 'SODIUM ION'
7 non-polymer 'SULFATE ION'
8 water water
#
_entity_poly.entity_id   1
_entity_poly.type   'polypeptide(L)'
_entity_poly.pdbx_seq_one_letter_code
;MLSYRHSFHAGNHADVLKHTVQSLIIESLKEKDKPFLYLDTHAGAGRYQLGSEHAERTGEYLEGIARIWQQDDLPAELEA
YINVVKHFNRSGQLRYYPGSPLIARLLLREQDSLQLTELHPSDYPLLRSEFQKDSRARVEKADGFQQLKAKLPPVSRRGL
ILIDPPYEMKTDYQAVVSGIAEGYKRFATGIYALWYPVVLRQQIKRMIHDLEATGIRKILQIELAVLPDSDRRGMTASGM
IVINPPWKLEQQMNNVLPWLHSKLVPAGTGHATVSWIVPESKGHHHHHH
;
_entity_poly.pdbx_strand_id   A,B
#
loop_
_chem_comp.id
_chem_comp.type
_chem_comp.name
_chem_comp.formula
AMP non-polymer 'ADENOSINE MONOPHOSPHATE' 'C10 H14 N5 O7 P'
EDO non-polymer 1,2-ETHANEDIOL 'C2 H6 O2'
GOL non-polymer GLYCEROL 'C3 H8 O3'
NA non-polymer 'SODIUM ION' 'Na 1'
SAH non-polymer S-ADENOSYL-L-HOMOCYSTEINE 'C14 H20 N6 O5 S'
SO4 non-polymer 'SULFATE ION' 'O4 S -2'
#
# COMPACT_ATOMS: atom_id res chain seq x y z
N MET A 1 -3.21 -7.53 34.44
CA MET A 1 -3.31 -8.41 33.28
C MET A 1 -3.64 -7.74 31.96
N LEU A 2 -2.63 -7.63 31.11
CA LEU A 2 -2.75 -6.97 29.81
C LEU A 2 -3.58 -5.67 29.79
N SER A 3 -3.26 -4.74 30.66
CA SER A 3 -3.98 -3.47 30.67
C SER A 3 -3.34 -2.45 29.72
N TYR A 4 -2.09 -2.74 29.34
CA TYR A 4 -1.34 -1.84 28.46
C TYR A 4 -2.01 -1.70 27.11
N ARG A 5 -2.11 -0.48 26.63
CA ARG A 5 -2.62 -0.16 25.33
C ARG A 5 -1.58 0.62 24.50
N HIS A 6 -1.11 0.04 23.41
CA HIS A 6 -0.05 0.73 22.66
C HIS A 6 -0.53 2.02 22.00
N SER A 7 -1.84 2.12 21.77
CA SER A 7 -2.42 3.32 21.16
CA SER A 7 -2.40 3.32 21.14
C SER A 7 -2.00 4.61 21.85
N PHE A 8 -1.75 4.55 23.16
CA PHE A 8 -1.31 5.72 23.91
C PHE A 8 0.06 6.20 23.44
N HIS A 9 0.87 5.29 22.91
CA HIS A 9 2.26 5.59 22.65
C HIS A 9 2.64 5.47 21.19
N ALA A 10 1.72 4.93 20.38
CA ALA A 10 2.04 4.61 18.99
C ALA A 10 2.63 5.82 18.27
N GLY A 11 3.77 5.64 17.63
CA GLY A 11 4.34 6.72 16.83
C GLY A 11 5.13 7.74 17.62
N ASN A 12 5.32 7.50 18.92
CA ASN A 12 6.14 8.39 19.73
C ASN A 12 7.63 8.23 19.41
N HIS A 13 8.50 8.91 20.15
CA HIS A 13 9.92 8.88 19.83
C HIS A 13 10.50 7.46 19.94
N ALA A 14 9.96 6.64 20.85
CA ALA A 14 10.45 5.26 21.01
C ALA A 14 10.11 4.41 19.78
N ASP A 15 8.88 4.58 19.28
CA ASP A 15 8.46 3.89 18.07
C ASP A 15 9.29 4.31 16.87
N VAL A 16 9.59 5.62 16.76
CA VAL A 16 10.43 6.11 15.68
C VAL A 16 11.80 5.38 15.70
N LEU A 17 12.45 5.33 16.84
CA LEU A 17 13.76 4.64 16.96
C LEU A 17 13.62 3.15 16.63
N LYS A 18 12.63 2.52 17.25
CA LYS A 18 12.41 1.08 17.11
C LYS A 18 12.19 0.69 15.65
N HIS A 19 11.35 1.45 14.97
CA HIS A 19 10.96 1.13 13.61
C HIS A 19 12.02 1.55 12.60
N THR A 20 12.80 2.56 12.96
CA THR A 20 13.97 2.91 12.16
C THR A 20 14.92 1.71 12.14
N VAL A 21 15.24 1.19 13.32
CA VAL A 21 16.15 0.04 13.42
C VAL A 21 15.57 -1.21 12.77
N GLN A 22 14.30 -1.50 13.05
CA GLN A 22 13.63 -2.61 12.39
C GLN A 22 13.73 -2.52 10.86
N SER A 23 13.42 -1.36 10.29
CA SER A 23 13.44 -1.20 8.84
CA SER A 23 13.44 -1.18 8.83
C SER A 23 14.83 -1.39 8.23
N LEU A 24 15.85 -0.90 8.93
CA LEU A 24 17.22 -0.99 8.43
C LEU A 24 17.71 -2.43 8.41
N ILE A 25 17.31 -3.20 9.42
CA ILE A 25 17.69 -4.60 9.50
C ILE A 25 17.01 -5.39 8.40
N ILE A 26 15.72 -5.12 8.18
CA ILE A 26 14.97 -5.78 7.12
C ILE A 26 15.63 -5.49 5.77
N GLU A 27 15.99 -4.24 5.52
CA GLU A 27 16.62 -3.91 4.25
C GLU A 27 17.96 -4.65 4.07
N SER A 28 18.70 -4.83 5.15
CA SER A 28 19.91 -5.64 5.08
C SER A 28 19.62 -7.10 4.74
N LEU A 29 18.62 -7.67 5.39
CA LEU A 29 18.28 -9.07 5.15
C LEU A 29 17.85 -9.30 3.71
N LYS A 30 17.27 -8.28 3.10
CA LYS A 30 16.75 -8.40 1.74
C LYS A 30 17.87 -8.36 0.68
N GLU A 31 19.08 -8.04 1.11
CA GLU A 31 20.18 -7.91 0.15
C GLU A 31 20.52 -9.26 -0.48
N LYS A 32 20.43 -10.33 0.31
CA LYS A 32 20.58 -11.70 -0.17
C LYS A 32 19.23 -12.24 -0.64
N ASP A 33 19.22 -12.97 -1.75
CA ASP A 33 17.99 -13.47 -2.36
C ASP A 33 17.24 -14.50 -1.50
N LYS A 34 17.98 -15.23 -0.66
CA LYS A 34 17.38 -16.24 0.22
C LYS A 34 16.30 -15.69 1.16
N PRO A 35 15.22 -16.47 1.34
CA PRO A 35 14.10 -16.02 2.18
C PRO A 35 14.49 -15.90 3.64
N PHE A 36 13.77 -15.09 4.40
CA PHE A 36 13.97 -15.03 5.84
C PHE A 36 12.63 -14.94 6.59
N LEU A 37 12.70 -15.14 7.89
CA LEU A 37 11.55 -15.06 8.76
C LEU A 37 11.56 -13.76 9.55
N TYR A 38 10.41 -13.10 9.64
CA TYR A 38 10.26 -12.02 10.57
C TYR A 38 9.38 -12.49 11.73
N LEU A 39 9.95 -12.53 12.92
CA LEU A 39 9.21 -13.05 14.08
C LEU A 39 8.97 -11.91 15.09
N ASP A 40 7.71 -11.60 15.36
CA ASP A 40 7.36 -10.46 16.21
C ASP A 40 6.61 -11.02 17.43
N THR A 41 7.28 -11.07 18.58
CA THR A 41 6.74 -11.78 19.75
C THR A 41 5.55 -11.04 20.39
N HIS A 42 5.66 -9.72 20.44
CA HIS A 42 4.62 -8.89 21.02
C HIS A 42 4.15 -7.92 19.94
N ALA A 43 3.26 -8.40 19.08
CA ALA A 43 3.01 -7.75 17.80
C ALA A 43 2.09 -6.53 17.83
N GLY A 44 1.22 -6.42 18.84
CA GLY A 44 0.29 -5.29 18.83
C GLY A 44 -0.87 -5.47 17.87
N ALA A 45 -1.61 -4.40 17.60
CA ALA A 45 -2.82 -4.46 16.75
C ALA A 45 -2.51 -4.39 15.27
N GLY A 46 -1.29 -3.95 14.94
CA GLY A 46 -0.88 -3.82 13.56
C GLY A 46 -0.84 -2.37 13.11
N ARG A 47 -1.92 -1.64 13.35
CA ARG A 47 -1.96 -0.21 13.04
C ARG A 47 -2.72 0.54 14.12
N TYR A 48 -2.47 1.84 14.21
CA TYR A 48 -3.01 2.63 15.28
C TYR A 48 -3.61 3.92 14.77
N GLN A 49 -4.76 4.29 15.32
CA GLN A 49 -5.42 5.55 15.00
C GLN A 49 -4.85 6.65 15.86
N LEU A 50 -4.22 7.63 15.22
CA LEU A 50 -3.61 8.71 15.96
C LEU A 50 -4.66 9.76 16.36
N GLY A 51 -5.83 9.70 15.73
CA GLY A 51 -6.93 10.58 16.08
C GLY A 51 -7.80 10.04 17.21
N SER A 52 -7.46 8.84 17.69
CA SER A 52 -8.19 8.20 18.79
C SER A 52 -8.01 9.00 20.08
N GLU A 53 -8.89 8.70 20.94
CA GLU A 53 -8.84 9.38 22.20
C GLU A 53 -7.56 9.07 22.93
N HIS A 54 -7.06 7.85 22.83
CA HIS A 54 -5.85 7.45 23.53
C HIS A 54 -4.64 8.24 23.03
N ALA A 55 -4.45 8.24 21.71
CA ALA A 55 -3.35 8.94 21.08
C ALA A 55 -3.35 10.45 21.38
N GLU A 56 -4.53 11.06 21.27
CA GLU A 56 -4.68 12.50 21.52
C GLU A 56 -4.53 12.88 22.99
N ARG A 57 -4.83 11.94 23.89
CA ARG A 57 -4.71 12.21 25.33
C ARG A 57 -3.26 12.49 25.72
N THR A 58 -2.34 11.70 25.18
CA THR A 58 -0.92 11.87 25.45
C THR A 58 -0.33 12.82 24.41
N GLY A 59 -0.82 12.68 23.19
CA GLY A 59 -0.29 13.45 22.06
C GLY A 59 1.13 13.06 21.72
N GLU A 60 1.59 11.88 22.18
CA GLU A 60 3.00 11.51 22.05
C GLU A 60 3.49 11.43 20.61
N TYR A 61 2.64 10.98 19.68
CA TYR A 61 3.03 10.93 18.28
C TYR A 61 3.40 12.30 17.74
N LEU A 62 2.84 13.37 18.34
CA LEU A 62 3.13 14.73 17.89
C LEU A 62 4.59 15.10 18.12
N GLU A 63 5.23 14.41 19.06
CA GLU A 63 6.63 14.67 19.36
C GLU A 63 7.51 13.56 18.79
N GLY A 64 6.88 12.62 18.10
CA GLY A 64 7.57 11.52 17.44
C GLY A 64 7.52 11.57 15.92
N ILE A 65 6.73 10.68 15.33
CA ILE A 65 6.67 10.55 13.87
C ILE A 65 6.29 11.88 13.18
N ALA A 66 5.45 12.68 13.84
CA ALA A 66 5.04 13.98 13.29
C ALA A 66 6.24 14.88 13.00
N ARG A 67 7.27 14.78 13.82
CA ARG A 67 8.42 15.66 13.68
C ARG A 67 9.39 15.26 12.58
N ILE A 68 9.17 14.10 11.95
CA ILE A 68 10.12 13.69 10.92
C ILE A 68 9.52 13.29 9.57
N TRP A 69 8.25 12.85 9.55
CA TRP A 69 7.70 12.21 8.34
C TRP A 69 7.56 13.12 7.11
N GLN A 70 7.50 14.42 7.32
CA GLN A 70 7.40 15.35 6.19
C GLN A 70 8.64 16.23 6.01
N GLN A 71 9.74 15.84 6.61
CA GLN A 71 10.97 16.62 6.48
C GLN A 71 11.57 16.52 5.07
N ASP A 72 12.01 17.63 4.50
CA ASP A 72 12.56 17.60 3.15
C ASP A 72 14.00 17.10 3.14
N ASP A 73 14.69 17.16 4.27
CA ASP A 73 16.06 16.69 4.28
C ASP A 73 16.16 15.30 4.95
N LEU A 74 15.15 14.47 4.73
CA LEU A 74 15.11 13.14 5.34
C LEU A 74 16.32 12.28 4.93
N PRO A 75 17.10 11.81 5.91
CA PRO A 75 18.23 10.91 5.60
C PRO A 75 17.79 9.69 4.80
N ALA A 76 18.62 9.24 3.87
CA ALA A 76 18.32 8.08 3.03
C ALA A 76 17.99 6.84 3.85
N GLU A 77 18.63 6.71 5.01
CA GLU A 77 18.40 5.54 5.87
C GLU A 77 16.95 5.44 6.38
N LEU A 78 16.20 6.53 6.29
CA LEU A 78 14.85 6.57 6.84
C LEU A 78 13.77 6.41 5.77
N GLU A 79 14.20 6.38 4.51
CA GLU A 79 13.26 6.42 3.39
C GLU A 79 12.32 5.22 3.38
N ALA A 80 12.87 4.02 3.55
CA ALA A 80 12.04 2.83 3.54
C ALA A 80 10.94 2.91 4.59
N TYR A 81 11.32 3.25 5.83
CA TYR A 81 10.38 3.43 6.94
C TYR A 81 9.33 4.52 6.67
N ILE A 82 9.78 5.70 6.30
CA ILE A 82 8.85 6.82 6.11
C ILE A 82 7.90 6.53 4.95
N ASN A 83 8.39 5.85 3.91
CA ASN A 83 7.49 5.51 2.82
C ASN A 83 6.34 4.59 3.25
N VAL A 84 6.59 3.70 4.21
CA VAL A 84 5.49 2.88 4.75
C VAL A 84 4.48 3.75 5.50
N VAL A 85 4.98 4.67 6.32
CA VAL A 85 4.10 5.59 7.04
C VAL A 85 3.26 6.41 6.06
N LYS A 86 3.89 6.89 4.99
CA LYS A 86 3.15 7.70 4.00
C LYS A 86 2.08 6.87 3.30
N HIS A 87 2.36 5.58 3.08
CA HIS A 87 1.37 4.72 2.44
C HIS A 87 0.06 4.69 3.24
N PHE A 88 0.16 4.78 4.56
CA PHE A 88 -1.04 4.72 5.39
C PHE A 88 -1.66 6.09 5.68
N ASN A 89 -1.11 7.12 5.06
CA ASN A 89 -1.62 8.48 5.24
C ASN A 89 -1.55 9.26 3.92
N ARG A 90 -2.16 8.71 2.88
CA ARG A 90 -1.98 9.27 1.54
C ARG A 90 -2.65 10.64 1.37
N SER A 91 -3.45 11.03 2.34
CA SER A 91 -4.11 12.34 2.32
C SER A 91 -3.11 13.40 2.74
N GLY A 92 -2.02 12.98 3.35
CA GLY A 92 -1.00 13.90 3.82
C GLY A 92 -1.29 14.40 5.24
N GLN A 93 -2.44 14.04 5.78
CA GLN A 93 -2.74 14.31 7.18
C GLN A 93 -2.29 13.11 8.02
N LEU A 94 -1.68 13.36 9.17
CA LEU A 94 -1.15 12.27 10.00
C LEU A 94 -2.24 11.64 10.86
N ARG A 95 -2.85 10.57 10.35
CA ARG A 95 -3.99 9.95 11.02
C ARG A 95 -3.80 8.52 11.49
N TYR A 96 -2.91 7.79 10.82
CA TYR A 96 -2.68 6.38 11.16
C TYR A 96 -1.19 6.08 11.24
N TYR A 97 -0.82 5.18 12.13
CA TYR A 97 0.58 4.81 12.29
C TYR A 97 0.72 3.29 12.21
N PRO A 98 1.58 2.79 11.32
CA PRO A 98 1.77 1.34 11.18
C PRO A 98 2.68 0.81 12.24
N GLY A 99 2.22 -0.23 12.92
CA GLY A 99 3.03 -0.92 13.90
C GLY A 99 4.08 -1.79 13.24
N SER A 100 4.94 -2.37 14.06
CA SER A 100 5.98 -3.28 13.55
C SER A 100 5.48 -4.34 12.55
N PRO A 101 4.31 -4.96 12.80
CA PRO A 101 3.89 -5.96 11.81
C PRO A 101 3.61 -5.41 10.41
N LEU A 102 3.05 -4.21 10.32
CA LEU A 102 2.73 -3.64 9.01
C LEU A 102 3.98 -3.08 8.31
N ILE A 103 4.92 -2.56 9.08
CA ILE A 103 6.20 -2.18 8.50
C ILE A 103 6.83 -3.44 7.91
N ALA A 104 6.77 -4.54 8.65
CA ALA A 104 7.31 -5.79 8.12
C ALA A 104 6.52 -6.23 6.89
N ARG A 105 5.19 -6.14 6.96
CA ARG A 105 4.37 -6.62 5.86
C ARG A 105 4.70 -5.92 4.55
N LEU A 106 5.01 -4.63 4.62
CA LEU A 106 5.23 -3.87 3.40
C LEU A 106 6.67 -3.88 2.93
N LEU A 107 7.60 -4.22 3.83
CA LEU A 107 9.03 -4.30 3.45
C LEU A 107 9.49 -5.69 3.03
N LEU A 108 8.85 -6.73 3.57
CA LEU A 108 9.25 -8.09 3.21
C LEU A 108 8.92 -8.40 1.75
N ARG A 109 9.57 -9.41 1.20
CA ARG A 109 9.38 -9.81 -0.17
C ARG A 109 8.38 -10.98 -0.25
N GLU A 110 8.05 -11.41 -1.47
CA GLU A 110 7.11 -12.51 -1.65
C GLU A 110 7.58 -13.80 -0.98
N GLN A 111 8.88 -14.04 -0.95
CA GLN A 111 9.41 -15.32 -0.47
C GLN A 111 9.60 -15.32 1.03
N ASP A 112 9.41 -14.15 1.66
CA ASP A 112 9.66 -14.08 3.09
C ASP A 112 8.42 -14.46 3.90
N SER A 113 8.59 -14.72 5.20
CA SER A 113 7.42 -14.98 6.04
C SER A 113 7.39 -14.27 7.39
N LEU A 114 6.19 -14.18 7.95
CA LEU A 114 5.98 -13.46 9.20
C LEU A 114 5.30 -14.38 10.19
N GLN A 115 5.74 -14.31 11.42
CA GLN A 115 5.08 -15.05 12.48
C GLN A 115 4.86 -14.11 13.66
N LEU A 116 3.57 -13.85 13.93
CA LEU A 116 3.18 -12.76 14.84
C LEU A 116 2.31 -13.29 15.98
N THR A 117 2.56 -12.79 17.18
CA THR A 117 1.71 -13.15 18.32
C THR A 117 1.28 -11.92 19.08
N GLU A 118 0.07 -11.97 19.65
CA GLU A 118 -0.46 -10.90 20.47
C GLU A 118 -1.51 -11.52 21.39
N LEU A 119 -1.44 -11.23 22.68
CA LEU A 119 -2.38 -11.82 23.64
C LEU A 119 -3.67 -11.01 23.88
N HIS A 120 -3.60 -9.69 23.68
CA HIS A 120 -4.74 -8.81 24.01
C HIS A 120 -6.00 -9.06 23.18
N PRO A 121 -7.17 -9.21 23.85
CA PRO A 121 -8.42 -9.56 23.15
C PRO A 121 -9.02 -8.43 22.28
N SER A 122 -8.50 -7.21 22.37
CA SER A 122 -8.87 -6.17 21.41
C SER A 122 -7.87 -6.20 20.25
N ASP A 123 -6.59 -6.30 20.57
CA ASP A 123 -5.54 -6.16 19.55
C ASP A 123 -5.32 -7.39 18.68
N TYR A 124 -5.47 -8.58 19.24
CA TYR A 124 -5.32 -9.79 18.42
C TYR A 124 -6.29 -9.89 17.24
N PRO A 125 -7.60 -9.64 17.47
CA PRO A 125 -8.52 -9.68 16.32
C PRO A 125 -8.21 -8.64 15.25
N LEU A 126 -7.79 -7.44 15.68
CA LEU A 126 -7.36 -6.40 14.74
C LEU A 126 -6.12 -6.87 13.96
N LEU A 127 -5.16 -7.45 14.65
CA LEU A 127 -3.95 -7.97 13.98
C LEU A 127 -4.30 -9.06 12.97
N ARG A 128 -5.20 -9.95 13.38
CA ARG A 128 -5.67 -11.00 12.48
C ARG A 128 -6.25 -10.43 11.18
N SER A 129 -7.08 -9.40 11.29
CA SER A 129 -7.68 -8.79 10.10
C SER A 129 -6.67 -8.18 9.14
N GLU A 130 -5.58 -7.66 9.68
CA GLU A 130 -4.55 -7.06 8.85
C GLU A 130 -3.87 -8.08 7.94
N PHE A 131 -3.91 -9.35 8.33
CA PHE A 131 -3.16 -10.39 7.64
C PHE A 131 -4.04 -11.49 7.04
N GLN A 132 -5.36 -11.31 7.06
CA GLN A 132 -6.26 -12.31 6.50
C GLN A 132 -6.00 -12.55 5.03
N LYS A 133 -5.61 -11.50 4.31
CA LYS A 133 -5.37 -11.61 2.89
C LYS A 133 -3.89 -11.75 2.50
N ASP A 134 -3.05 -12.19 3.44
CA ASP A 134 -1.61 -12.31 3.17
C ASP A 134 -1.10 -13.66 3.68
N SER A 135 -0.95 -14.61 2.77
CA SER A 135 -0.56 -15.97 3.14
C SER A 135 0.86 -16.12 3.68
N ARG A 136 1.68 -15.06 3.60
CA ARG A 136 3.04 -15.10 4.13
C ARG A 136 3.07 -15.10 5.66
N ALA A 137 1.96 -14.67 6.25
CA ALA A 137 1.91 -14.46 7.70
C ALA A 137 1.12 -15.52 8.44
N ARG A 138 1.55 -15.78 9.67
CA ARG A 138 0.79 -16.58 10.60
C ARG A 138 0.61 -15.73 11.85
N VAL A 139 -0.63 -15.58 12.30
CA VAL A 139 -0.92 -14.75 13.47
C VAL A 139 -1.58 -15.62 14.53
N GLU A 140 -1.03 -15.63 15.74
CA GLU A 140 -1.58 -16.46 16.82
C GLU A 140 -1.81 -15.66 18.07
N LYS A 141 -2.86 -16.03 18.80
CA LYS A 141 -3.11 -15.47 20.12
C LYS A 141 -2.40 -16.35 21.14
N ALA A 142 -1.15 -16.02 21.43
CA ALA A 142 -0.36 -16.79 22.38
C ALA A 142 0.79 -15.98 22.97
N ASP A 143 1.43 -16.53 24.00
CA ASP A 143 2.56 -15.87 24.65
C ASP A 143 3.73 -15.73 23.69
N GLY A 144 4.17 -14.50 23.47
CA GLY A 144 5.29 -14.22 22.58
C GLY A 144 6.59 -14.88 23.01
N PHE A 145 6.86 -14.90 24.31
CA PHE A 145 8.11 -15.45 24.79
C PHE A 145 8.22 -16.93 24.43
N GLN A 146 7.09 -17.63 24.41
CA GLN A 146 7.06 -19.05 24.08
C GLN A 146 7.48 -19.30 22.63
N GLN A 147 7.25 -18.33 21.77
CA GLN A 147 7.60 -18.44 20.35
C GLN A 147 9.11 -18.51 20.11
N LEU A 148 9.88 -18.02 21.06
CA LEU A 148 11.34 -18.06 20.95
C LEU A 148 11.80 -19.51 21.11
N LYS A 149 10.93 -20.33 21.68
CA LYS A 149 11.17 -21.78 21.68
C LYS A 149 10.48 -22.48 20.50
N ALA A 150 9.21 -22.15 20.27
CA ALA A 150 8.37 -22.91 19.32
C ALA A 150 8.71 -22.69 17.85
N LYS A 151 9.19 -21.48 17.51
CA LYS A 151 9.35 -21.11 16.11
C LYS A 151 10.79 -20.98 15.61
N LEU A 152 11.76 -21.24 16.48
CA LEU A 152 13.16 -21.11 16.10
C LEU A 152 13.85 -22.49 16.19
N PRO A 153 14.74 -22.79 15.24
CA PRO A 153 15.11 -21.93 14.11
C PRO A 153 14.12 -22.06 12.98
N PRO A 154 14.01 -21.02 12.13
CA PRO A 154 13.12 -21.13 10.97
C PRO A 154 13.76 -22.07 9.95
N VAL A 155 12.94 -22.71 9.12
CA VAL A 155 13.49 -23.60 8.09
C VAL A 155 14.40 -22.83 7.13
N SER A 156 14.05 -21.58 6.86
CA SER A 156 14.86 -20.74 5.96
C SER A 156 16.22 -20.42 6.57
N ARG A 157 16.31 -20.55 7.87
CA ARG A 157 17.52 -20.36 8.61
C ARG A 157 18.07 -18.93 8.57
N ARG A 158 17.21 -17.97 8.29
CA ARG A 158 17.55 -16.56 8.29
C ARG A 158 16.39 -15.83 8.97
N GLY A 159 16.67 -14.83 9.79
CA GLY A 159 15.63 -13.99 10.31
C GLY A 159 15.91 -12.88 11.30
N LEU A 160 14.90 -12.05 11.45
CA LEU A 160 14.82 -10.99 12.40
C LEU A 160 13.77 -11.32 13.45
N ILE A 161 14.15 -11.27 14.69
CA ILE A 161 13.27 -11.54 15.80
C ILE A 161 13.15 -10.25 16.59
N LEU A 162 11.98 -9.62 16.53
CA LEU A 162 11.72 -8.42 17.29
C LEU A 162 11.04 -8.81 18.59
N ILE A 163 11.62 -8.37 19.70
CA ILE A 163 11.07 -8.64 21.02
C ILE A 163 10.76 -7.30 21.64
N ASP A 164 9.47 -6.95 21.68
CA ASP A 164 9.05 -5.59 22.02
C ASP A 164 7.94 -5.60 23.08
N PRO A 165 8.24 -6.12 24.28
CA PRO A 165 7.19 -6.16 25.31
C PRO A 165 6.87 -4.76 25.88
N PRO A 166 5.75 -4.64 26.60
CA PRO A 166 5.37 -3.36 27.18
C PRO A 166 6.01 -3.15 28.55
N TYR A 167 6.56 -4.20 29.17
CA TYR A 167 7.11 -4.10 30.53
C TYR A 167 6.07 -3.62 31.56
N GLU A 168 4.80 -3.94 31.31
CA GLU A 168 3.76 -3.75 32.30
C GLU A 168 4.02 -4.67 33.51
N MET A 169 4.33 -5.94 33.26
CA MET A 169 4.80 -6.83 34.32
C MET A 169 6.32 -6.68 34.44
N LYS A 170 6.82 -6.51 35.66
CA LYS A 170 8.25 -6.27 35.82
C LYS A 170 9.09 -7.52 35.53
N THR A 171 8.43 -8.68 35.49
CA THR A 171 9.11 -9.91 35.09
C THR A 171 9.61 -9.86 33.64
N ASP A 172 9.05 -8.96 32.84
CA ASP A 172 9.53 -8.77 31.46
C ASP A 172 11.02 -8.53 31.41
N TYR A 173 11.57 -7.84 32.41
CA TYR A 173 12.99 -7.48 32.37
C TYR A 173 13.87 -8.73 32.49
N GLN A 174 13.36 -9.76 33.14
CA GLN A 174 14.04 -11.05 33.19
C GLN A 174 13.66 -11.91 31.99
N ALA A 175 12.38 -11.89 31.64
CA ALA A 175 11.88 -12.75 30.57
C ALA A 175 12.50 -12.45 29.20
N VAL A 176 12.80 -11.18 28.91
CA VAL A 176 13.44 -10.88 27.63
C VAL A 176 14.83 -11.53 27.55
N VAL A 177 15.54 -11.56 28.67
CA VAL A 177 16.89 -12.12 28.69
C VAL A 177 16.87 -13.65 28.58
N SER A 178 16.00 -14.31 29.34
CA SER A 178 15.86 -15.76 29.29
CA SER A 178 15.92 -15.76 29.27
C SER A 178 15.32 -16.19 27.94
N GLY A 179 14.40 -15.39 27.39
CA GLY A 179 13.84 -15.67 26.08
C GLY A 179 14.88 -15.56 24.95
N ILE A 180 15.71 -14.53 25.00
CA ILE A 180 16.80 -14.39 24.05
C ILE A 180 17.77 -15.59 24.17
N ALA A 181 18.04 -16.02 25.39
CA ALA A 181 18.94 -17.16 25.60
C ALA A 181 18.40 -18.42 24.97
N GLU A 182 17.11 -18.67 25.15
CA GLU A 182 16.47 -19.85 24.57
C GLU A 182 16.44 -19.75 23.05
N GLY A 183 16.08 -18.58 22.50
CA GLY A 183 16.06 -18.43 21.07
C GLY A 183 17.45 -18.57 20.45
N TYR A 184 18.43 -17.91 21.06
CA TYR A 184 19.81 -17.98 20.58
C TYR A 184 20.35 -19.42 20.60
N LYS A 185 20.00 -20.17 21.63
CA LYS A 185 20.42 -21.58 21.71
C LYS A 185 19.92 -22.34 20.49
N ARG A 186 18.69 -22.04 20.07
CA ARG A 186 18.08 -22.72 18.93
C ARG A 186 18.49 -22.15 17.60
N PHE A 187 18.92 -20.89 17.58
CA PHE A 187 19.14 -20.18 16.33
C PHE A 187 20.16 -19.05 16.57
N ALA A 188 21.43 -19.42 16.62
CA ALA A 188 22.49 -18.50 17.03
C ALA A 188 22.89 -17.45 15.98
N THR A 189 22.45 -17.66 14.74
CA THR A 189 22.78 -16.71 13.67
C THR A 189 21.59 -15.78 13.41
N GLY A 190 20.55 -15.90 14.22
CA GLY A 190 19.41 -14.99 14.09
C GLY A 190 19.78 -13.57 14.46
N ILE A 191 19.08 -12.59 13.87
CA ILE A 191 19.23 -11.22 14.34
C ILE A 191 18.12 -10.94 15.35
N TYR A 192 18.51 -10.66 16.59
CA TYR A 192 17.53 -10.41 17.65
C TYR A 192 17.49 -8.93 17.98
N ALA A 193 16.31 -8.33 17.92
CA ALA A 193 16.17 -6.91 18.26
C ALA A 193 15.25 -6.75 19.46
N LEU A 194 15.82 -6.29 20.57
CA LEU A 194 15.09 -6.11 21.81
C LEU A 194 14.89 -4.64 22.08
N TRP A 195 13.62 -4.23 22.17
CA TRP A 195 13.28 -2.86 22.57
C TRP A 195 13.14 -2.79 24.09
N TYR A 196 13.64 -1.70 24.67
CA TYR A 196 13.49 -1.45 26.10
C TYR A 196 13.18 0.03 26.38
N PRO A 197 12.41 0.30 27.45
CA PRO A 197 12.13 1.64 27.96
C PRO A 197 13.10 1.99 29.08
N VAL A 198 13.45 3.26 29.20
CA VAL A 198 14.22 3.72 30.35
C VAL A 198 13.26 4.50 31.27
N VAL A 199 12.66 3.76 32.19
CA VAL A 199 11.87 4.37 33.25
C VAL A 199 12.73 4.44 34.50
N LEU A 200 13.47 3.37 34.75
CA LEU A 200 14.42 3.34 35.84
C LEU A 200 15.75 2.79 35.30
N ARG A 201 16.77 3.65 35.22
CA ARG A 201 18.06 3.22 34.67
C ARG A 201 18.60 1.94 35.33
N GLN A 202 18.41 1.80 36.63
CA GLN A 202 18.96 0.63 37.33
C GLN A 202 18.36 -0.70 36.81
N GLN A 203 17.09 -0.67 36.45
CA GLN A 203 16.44 -1.83 35.83
C GLN A 203 17.15 -2.22 34.54
N ILE A 204 17.49 -1.23 33.74
CA ILE A 204 18.15 -1.49 32.47
C ILE A 204 19.57 -2.01 32.68
N LYS A 205 20.32 -1.39 33.58
CA LYS A 205 21.67 -1.86 33.91
C LYS A 205 21.66 -3.33 34.35
N ARG A 206 20.69 -3.69 35.18
CA ARG A 206 20.53 -5.07 35.63
C ARG A 206 20.20 -5.99 34.46
N MET A 207 19.30 -5.54 33.60
CA MET A 207 18.94 -6.31 32.41
C MET A 207 20.15 -6.59 31.51
N ILE A 208 20.94 -5.55 31.27
CA ILE A 208 22.12 -5.65 30.43
C ILE A 208 23.19 -6.54 31.06
N HIS A 209 23.31 -6.46 32.38
CA HIS A 209 24.22 -7.36 33.11
C HIS A 209 23.78 -8.82 32.91
N ASP A 210 22.48 -9.09 33.04
CA ASP A 210 21.95 -10.45 32.82
C ASP A 210 22.19 -10.94 31.41
N LEU A 211 22.07 -10.04 30.45
CA LEU A 211 22.29 -10.36 29.05
C LEU A 211 23.75 -10.68 28.81
N GLU A 212 24.65 -9.95 29.47
CA GLU A 212 26.07 -10.23 29.32
C GLU A 212 26.41 -11.62 29.87
N ALA A 213 25.75 -11.98 30.96
CA ALA A 213 25.97 -13.26 31.62
C ALA A 213 25.53 -14.46 30.80
N THR A 214 24.78 -14.26 29.72
CA THR A 214 24.43 -15.40 28.87
C THR A 214 25.64 -15.85 28.07
N GLY A 215 26.66 -14.99 27.98
CA GLY A 215 27.84 -15.31 27.20
C GLY A 215 27.70 -14.98 25.72
N ILE A 216 26.51 -14.52 25.31
CA ILE A 216 26.28 -14.15 23.91
C ILE A 216 27.15 -12.95 23.50
N ARG A 217 27.75 -13.04 22.32
CA ARG A 217 28.64 -12.00 21.82
C ARG A 217 27.95 -11.21 20.69
N LYS A 218 28.61 -10.15 20.24
CA LYS A 218 28.12 -9.28 19.16
C LYS A 218 26.80 -8.62 19.51
N ILE A 219 26.81 -7.81 20.55
CA ILE A 219 25.60 -7.18 21.04
C ILE A 219 25.73 -5.66 20.94
N LEU A 220 24.91 -5.06 20.09
CA LEU A 220 24.97 -3.63 19.85
C LEU A 220 23.84 -2.95 20.61
N GLN A 221 24.13 -1.77 21.17
CA GLN A 221 23.11 -1.00 21.87
C GLN A 221 22.91 0.37 21.21
N ILE A 222 21.65 0.70 20.92
CA ILE A 222 21.29 1.97 20.30
C ILE A 222 20.28 2.66 21.21
N GLU A 223 20.60 3.83 21.76
CA GLU A 223 19.67 4.47 22.69
C GLU A 223 19.40 5.94 22.34
N LEU A 224 18.14 6.34 22.43
CA LEU A 224 17.80 7.75 22.27
C LEU A 224 17.01 8.25 23.47
N ALA A 225 17.59 9.20 24.21
CA ALA A 225 16.95 9.80 25.37
C ALA A 225 16.48 11.19 25.01
N VAL A 226 15.24 11.53 25.37
CA VAL A 226 14.73 12.88 25.14
C VAL A 226 14.96 13.77 26.36
N LEU A 227 15.23 13.12 27.49
CA LEU A 227 15.48 13.78 28.76
CA LEU A 227 15.51 13.79 28.75
C LEU A 227 16.57 12.98 29.49
N PRO A 228 17.31 13.64 30.41
CA PRO A 228 18.27 12.84 31.19
C PRO A 228 17.55 11.84 32.11
N ASP A 229 18.30 10.86 32.61
CA ASP A 229 17.77 9.88 33.55
C ASP A 229 17.20 10.55 34.78
N SER A 230 16.05 10.03 35.22
CA SER A 230 15.34 10.51 36.37
C SER A 230 14.62 9.42 37.14
N ASP A 231 14.44 9.66 38.43
CA ASP A 231 13.71 8.69 39.26
C ASP A 231 12.21 8.96 39.22
N ARG A 232 11.83 10.08 38.62
CA ARG A 232 10.43 10.45 38.51
C ARG A 232 9.68 9.36 37.75
N ARG A 233 8.38 9.52 37.57
CA ARG A 233 7.56 8.46 36.99
C ARG A 233 7.90 8.03 35.55
N GLY A 234 8.07 9.00 34.66
CA GLY A 234 8.09 8.74 33.22
C GLY A 234 9.28 8.08 32.54
N MET A 235 9.07 7.68 31.29
CA MET A 235 10.08 7.12 30.43
C MET A 235 10.84 8.28 29.77
N THR A 236 12.13 8.39 30.06
CA THR A 236 12.94 9.50 29.60
C THR A 236 13.74 9.13 28.36
N ALA A 237 13.78 7.84 28.06
CA ALA A 237 14.57 7.26 26.95
C ALA A 237 14.08 5.87 26.53
N SER A 238 14.53 5.42 25.36
CA SER A 238 14.32 4.02 24.99
C SER A 238 15.46 3.57 24.11
N GLY A 239 15.63 2.27 23.95
CA GLY A 239 16.66 1.78 23.08
C GLY A 239 16.35 0.48 22.37
N MET A 240 17.26 0.11 21.47
CA MET A 240 17.23 -1.18 20.81
C MET A 240 18.54 -1.90 21.12
N ILE A 241 18.44 -3.11 21.64
CA ILE A 241 19.62 -3.96 21.78
C ILE A 241 19.57 -4.99 20.65
N VAL A 242 20.61 -4.99 19.81
CA VAL A 242 20.61 -5.84 18.63
C VAL A 242 21.73 -6.89 18.70
N ILE A 243 21.34 -8.16 18.67
CA ILE A 243 22.28 -9.29 18.66
C ILE A 243 22.51 -9.74 17.22
N ASN A 244 23.77 -9.92 16.85
CA ASN A 244 24.13 -10.15 15.45
C ASN A 244 23.65 -9.05 14.50
N PRO A 245 23.94 -7.78 14.81
CA PRO A 245 23.47 -6.74 13.87
C PRO A 245 24.12 -6.94 12.50
N PRO A 246 23.42 -6.55 11.42
CA PRO A 246 24.06 -6.57 10.11
C PRO A 246 25.26 -5.62 10.12
N TRP A 247 26.23 -5.85 9.26
CA TRP A 247 27.51 -5.16 9.38
C TRP A 247 27.38 -3.62 9.19
N LYS A 248 26.40 -3.19 8.40
CA LYS A 248 26.18 -1.76 8.17
C LYS A 248 25.47 -0.99 9.29
N LEU A 249 24.77 -1.70 10.17
CA LEU A 249 23.84 -1.07 11.10
C LEU A 249 24.49 -0.02 12.00
N GLU A 250 25.66 -0.33 12.55
CA GLU A 250 26.34 0.64 13.41
C GLU A 250 26.62 1.95 12.66
N GLN A 251 27.15 1.85 11.45
CA GLN A 251 27.42 3.06 10.66
C GLN A 251 26.14 3.82 10.27
N GLN A 252 25.09 3.08 9.91
CA GLN A 252 23.81 3.68 9.53
C GLN A 252 23.24 4.46 10.69
N MET A 253 23.35 3.89 11.89
CA MET A 253 22.87 4.56 13.08
C MET A 253 23.73 5.78 13.41
N ASN A 254 25.04 5.68 13.22
CA ASN A 254 25.87 6.88 13.37
C ASN A 254 25.50 7.96 12.39
N ASN A 255 25.05 7.57 11.20
CA ASN A 255 24.61 8.52 10.20
C ASN A 255 23.29 9.19 10.55
N VAL A 256 22.36 8.48 11.16
CA VAL A 256 21.02 9.05 11.35
C VAL A 256 20.67 9.48 12.76
N LEU A 257 21.36 8.94 13.76
CA LEU A 257 21.01 9.29 15.14
C LEU A 257 21.10 10.78 15.49
N PRO A 258 22.18 11.48 15.04
CA PRO A 258 22.19 12.92 15.30
C PRO A 258 21.04 13.68 14.65
N TRP A 259 20.72 13.36 13.40
CA TRP A 259 19.58 14.02 12.75
C TRP A 259 18.28 13.73 13.51
N LEU A 260 18.05 12.44 13.79
CA LEU A 260 16.85 12.03 14.51
C LEU A 260 16.70 12.75 15.83
N HIS A 261 17.79 12.81 16.59
CA HIS A 261 17.72 13.44 17.90
C HIS A 261 17.46 14.93 17.77
N SER A 262 18.01 15.56 16.73
CA SER A 262 17.81 17.00 16.53
CA SER A 262 17.81 17.00 16.52
C SER A 262 16.35 17.32 16.20
N LYS A 263 15.70 16.41 15.48
CA LYS A 263 14.31 16.60 15.08
C LYS A 263 13.33 16.22 16.20
N LEU A 264 13.58 15.10 16.88
CA LEU A 264 12.70 14.63 17.95
C LEU A 264 12.85 15.43 19.24
N VAL A 265 14.02 16.01 19.44
CA VAL A 265 14.31 16.74 20.69
C VAL A 265 14.88 18.14 20.38
N PRO A 266 14.01 19.06 19.95
CA PRO A 266 14.48 20.40 19.52
C PRO A 266 15.26 21.15 20.61
N ALA A 267 14.93 20.92 21.87
CA ALA A 267 15.64 21.53 22.98
C ALA A 267 17.05 20.95 23.22
N GLY A 268 17.35 19.83 22.58
CA GLY A 268 18.69 19.25 22.66
C GLY A 268 19.01 18.50 23.94
N THR A 269 18.01 18.27 24.79
CA THR A 269 18.20 17.53 26.03
C THR A 269 18.35 16.01 25.78
N GLY A 270 18.80 15.29 26.80
CA GLY A 270 19.02 13.86 26.65
C GLY A 270 20.31 13.55 25.91
N HIS A 271 20.24 12.52 25.07
CA HIS A 271 21.41 12.04 24.35
C HIS A 271 20.96 11.03 23.30
N ALA A 272 21.89 10.63 22.44
CA ALA A 272 21.66 9.53 21.52
C ALA A 272 22.99 8.86 21.22
N THR A 273 23.04 7.55 21.44
CA THR A 273 24.30 6.82 21.39
C THR A 273 24.17 5.46 20.72
N VAL A 274 25.27 5.01 20.12
CA VAL A 274 25.37 3.65 19.66
C VAL A 274 26.72 3.10 20.13
N SER A 275 26.68 1.95 20.79
CA SER A 275 27.88 1.34 21.36
C SER A 275 27.70 -0.16 21.46
N TRP A 276 28.80 -0.86 21.66
CA TRP A 276 28.75 -2.30 21.83
C TRP A 276 28.65 -2.67 23.30
N ILE A 277 27.68 -3.49 23.64
CA ILE A 277 27.59 -4.08 24.97
C ILE A 277 28.61 -5.22 25.04
N VAL A 278 28.61 -6.07 24.01
CA VAL A 278 29.62 -7.14 23.86
C VAL A 278 30.15 -7.17 22.42
N PRO A 279 31.44 -6.87 22.25
CA PRO A 279 32.04 -6.78 20.90
C PRO A 279 32.27 -8.11 20.19
N GLU A 280 32.82 -7.99 18.98
CA GLU A 280 33.35 -9.10 18.18
C GLU A 280 32.39 -10.26 17.99
N MET B 1 -33.10 -4.61 -12.85
CA MET B 1 -32.20 -3.54 -13.13
C MET B 1 -30.79 -4.10 -13.07
N LEU B 2 -30.09 -3.83 -11.95
CA LEU B 2 -28.66 -3.80 -11.79
C LEU B 2 -28.11 -5.19 -11.50
N SER B 3 -27.90 -5.98 -12.52
CA SER B 3 -27.45 -7.33 -12.34
C SER B 3 -25.94 -7.55 -12.65
N TYR B 4 -25.35 -6.65 -13.40
CA TYR B 4 -23.95 -6.72 -13.73
C TYR B 4 -23.13 -6.65 -12.47
N ARG B 5 -22.13 -7.52 -12.38
CA ARG B 5 -21.15 -7.49 -11.30
C ARG B 5 -19.76 -7.51 -11.95
N HIS B 6 -18.92 -6.53 -11.63
CA HIS B 6 -17.61 -6.47 -12.27
C HIS B 6 -16.70 -7.66 -11.85
N SER B 7 -16.99 -8.28 -10.73
CA SER B 7 -16.20 -9.43 -10.24
C SER B 7 -16.02 -10.52 -11.28
N PHE B 8 -16.99 -10.66 -12.18
CA PHE B 8 -16.91 -11.64 -13.25
C PHE B 8 -15.78 -11.35 -14.24
N HIS B 9 -15.44 -10.08 -14.39
CA HIS B 9 -14.55 -9.67 -15.48
C HIS B 9 -13.27 -9.04 -14.96
N ALA B 10 -13.22 -8.79 -13.67
CA ALA B 10 -12.11 -8.04 -13.09
C ALA B 10 -10.73 -8.62 -13.46
N GLY B 11 -9.87 -7.77 -14.01
CA GLY B 11 -8.52 -8.17 -14.34
C GLY B 11 -8.38 -8.83 -15.70
N ASN B 12 -9.48 -8.88 -16.46
CA ASN B 12 -9.39 -9.45 -17.80
C ASN B 12 -8.64 -8.53 -18.77
N HIS B 13 -8.58 -8.91 -20.04
CA HIS B 13 -7.79 -8.15 -20.99
C HIS B 13 -8.33 -6.71 -21.13
N ALA B 14 -9.63 -6.54 -20.96
CA ALA B 14 -10.25 -5.21 -21.05
C ALA B 14 -9.79 -4.32 -19.89
N ASP B 15 -9.75 -4.86 -18.67
CA ASP B 15 -9.23 -4.13 -17.51
C ASP B 15 -7.74 -3.82 -17.71
N VAL B 16 -6.99 -4.74 -18.29
CA VAL B 16 -5.57 -4.47 -18.55
C VAL B 16 -5.39 -3.22 -19.42
N LEU B 17 -6.08 -3.15 -20.56
CA LEU B 17 -5.99 -1.99 -21.42
C LEU B 17 -6.46 -0.76 -20.67
N LYS B 18 -7.62 -0.87 -20.04
CA LYS B 18 -8.27 0.26 -19.37
C LYS B 18 -7.38 0.87 -18.30
N HIS B 19 -6.80 0.01 -17.49
CA HIS B 19 -6.02 0.47 -16.35
C HIS B 19 -4.63 0.92 -16.73
N THR B 20 -4.10 0.35 -17.81
CA THR B 20 -2.86 0.81 -18.38
C THR B 20 -3.01 2.27 -18.83
N VAL B 21 -4.05 2.53 -19.61
CA VAL B 21 -4.27 3.89 -20.10
C VAL B 21 -4.57 4.86 -18.95
N GLN B 22 -5.44 4.45 -18.03
CA GLN B 22 -5.71 5.27 -16.84
C GLN B 22 -4.42 5.63 -16.10
N SER B 23 -3.58 4.64 -15.85
CA SER B 23 -2.37 4.88 -15.05
C SER B 23 -1.40 5.84 -15.78
N LEU B 24 -1.27 5.67 -17.09
CA LEU B 24 -0.45 6.58 -17.89
C LEU B 24 -0.98 8.02 -17.91
N ILE B 25 -2.30 8.18 -17.96
CA ILE B 25 -2.87 9.53 -17.95
C ILE B 25 -2.60 10.19 -16.61
N ILE B 26 -2.83 9.44 -15.54
CA ILE B 26 -2.57 9.92 -14.18
C ILE B 26 -1.11 10.32 -14.00
N GLU B 27 -0.18 9.49 -14.50
CA GLU B 27 1.23 9.82 -14.39
C GLU B 27 1.58 11.15 -15.11
N SER B 28 0.98 11.38 -16.28
CA SER B 28 1.16 12.64 -16.99
C SER B 28 0.61 13.83 -16.22
N LEU B 29 -0.59 13.69 -15.66
CA LEU B 29 -1.21 14.76 -14.89
C LEU B 29 -0.35 15.20 -13.70
N LYS B 30 0.40 14.24 -13.15
CA LYS B 30 1.23 14.47 -11.97
C LYS B 30 2.50 15.24 -12.26
N GLU B 31 2.78 15.47 -13.54
CA GLU B 31 3.99 16.21 -13.88
C GLU B 31 3.90 17.70 -13.54
N LYS B 32 2.68 18.23 -13.51
CA LYS B 32 2.46 19.57 -12.95
C LYS B 32 2.09 19.48 -11.48
N ASP B 33 2.65 20.39 -10.70
CA ASP B 33 2.51 20.36 -9.25
C ASP B 33 1.06 20.61 -8.79
N LYS B 34 0.32 21.36 -9.61
CA LYS B 34 -1.07 21.72 -9.32
C LYS B 34 -1.99 20.49 -9.16
N PRO B 35 -2.91 20.55 -8.18
CA PRO B 35 -3.81 19.42 -7.92
C PRO B 35 -4.74 19.14 -9.08
N PHE B 36 -5.26 17.91 -9.14
CA PHE B 36 -6.29 17.56 -10.09
C PHE B 36 -7.34 16.66 -9.45
N LEU B 37 -8.44 16.51 -10.16
CA LEU B 37 -9.54 15.67 -9.72
C LEU B 37 -9.54 14.38 -10.51
N TYR B 38 -9.76 13.26 -9.82
CA TYR B 38 -10.05 12.00 -10.49
C TYR B 38 -11.55 11.72 -10.32
N LEU B 39 -12.27 11.67 -11.43
CA LEU B 39 -13.73 11.47 -11.39
C LEU B 39 -14.06 10.16 -12.07
N ASP B 40 -14.65 9.24 -11.30
CA ASP B 40 -14.92 7.88 -11.77
C ASP B 40 -16.43 7.68 -11.69
N THR B 41 -17.10 7.72 -12.84
CA THR B 41 -18.56 7.75 -12.88
C THR B 41 -19.17 6.40 -12.54
N HIS B 42 -18.52 5.34 -13.01
CA HIS B 42 -18.96 3.97 -12.75
C HIS B 42 -17.81 3.24 -12.05
N ALA B 43 -17.73 3.38 -10.74
CA ALA B 43 -16.52 3.08 -10.01
C ALA B 43 -16.30 1.62 -9.64
N GLY B 44 -17.37 0.81 -9.55
CA GLY B 44 -17.23 -0.57 -9.13
C GLY B 44 -17.07 -0.75 -7.63
N ALA B 45 -16.59 -1.93 -7.24
CA ALA B 45 -16.44 -2.27 -5.83
C ALA B 45 -15.13 -1.73 -5.25
N GLY B 46 -14.18 -1.40 -6.11
CA GLY B 46 -12.89 -0.94 -5.65
C GLY B 46 -11.80 -2.00 -5.77
N ARG B 47 -12.03 -3.19 -5.21
CA ARG B 47 -11.08 -4.30 -5.37
C ARG B 47 -11.84 -5.60 -5.52
N TYR B 48 -11.22 -6.61 -6.12
CA TYR B 48 -11.92 -7.85 -6.45
C TYR B 48 -11.11 -9.08 -6.07
N GLN B 49 -11.80 -10.08 -5.52
CA GLN B 49 -11.18 -11.37 -5.21
C GLN B 49 -11.18 -12.23 -6.45
N LEU B 50 -10.00 -12.60 -6.92
CA LEU B 50 -9.89 -13.39 -8.13
C LEU B 50 -10.13 -14.88 -7.83
N GLY B 51 -10.07 -15.23 -6.55
CA GLY B 51 -10.39 -16.58 -6.11
C GLY B 51 -11.87 -16.77 -5.81
N SER B 52 -12.64 -15.69 -5.95
CA SER B 52 -14.08 -15.73 -5.71
C SER B 52 -14.77 -16.63 -6.74
N GLU B 53 -15.98 -17.07 -6.42
CA GLU B 53 -16.74 -17.92 -7.34
C GLU B 53 -16.97 -17.22 -8.67
N HIS B 54 -17.24 -15.92 -8.62
CA HIS B 54 -17.49 -15.13 -9.83
C HIS B 54 -16.30 -15.12 -10.78
N ALA B 55 -15.13 -14.73 -10.26
CA ALA B 55 -13.92 -14.68 -11.08
C ALA B 55 -13.57 -16.08 -11.62
N GLU B 56 -13.66 -17.08 -10.76
CA GLU B 56 -13.33 -18.44 -11.17
C GLU B 56 -14.36 -19.00 -12.15
N ARG B 57 -15.60 -18.51 -12.08
CA ARG B 57 -16.65 -18.97 -13.00
C ARG B 57 -16.26 -18.63 -14.44
N THR B 58 -15.71 -17.42 -14.62
CA THR B 58 -15.28 -16.96 -15.94
C THR B 58 -13.80 -17.28 -16.19
N GLY B 59 -12.98 -17.13 -15.14
CA GLY B 59 -11.54 -17.30 -15.24
C GLY B 59 -10.86 -16.24 -16.10
N GLU B 60 -11.56 -15.14 -16.36
CA GLU B 60 -11.08 -14.16 -17.32
C GLU B 60 -9.74 -13.51 -16.92
N TYR B 61 -9.55 -13.31 -15.63
CA TYR B 61 -8.29 -12.71 -15.17
C TYR B 61 -7.08 -13.56 -15.56
N LEU B 62 -7.31 -14.87 -15.73
CA LEU B 62 -6.22 -15.76 -16.09
C LEU B 62 -5.67 -15.42 -17.48
N GLU B 63 -6.52 -14.85 -18.33
CA GLU B 63 -6.12 -14.49 -19.68
C GLU B 63 -5.90 -12.99 -19.80
N GLY B 64 -5.70 -12.32 -18.66
CA GLY B 64 -5.48 -10.89 -18.64
C GLY B 64 -4.27 -10.51 -17.81
N ILE B 65 -4.52 -9.92 -16.64
CA ILE B 65 -3.46 -9.50 -15.75
C ILE B 65 -2.51 -10.66 -15.45
N ALA B 66 -3.03 -11.86 -15.28
CA ALA B 66 -2.17 -13.02 -15.03
C ALA B 66 -1.07 -13.15 -16.05
N ARG B 67 -1.40 -12.94 -17.31
CA ARG B 67 -0.40 -13.05 -18.36
C ARG B 67 0.51 -11.82 -18.37
N ILE B 68 0.18 -10.84 -17.55
CA ILE B 68 1.36 -9.67 -17.56
CA ILE B 68 1.37 -9.85 -17.54
C ILE B 68 2.43 -9.62 -16.28
N TRP B 69 1.75 -9.70 -15.14
CA TRP B 69 2.15 -8.96 -13.95
C TRP B 69 3.45 -9.52 -13.37
N GLN B 70 3.87 -10.67 -13.88
CA GLN B 70 5.09 -11.31 -13.42
C GLN B 70 6.13 -11.39 -14.53
N GLN B 71 5.81 -10.81 -15.68
CA GLN B 71 6.72 -10.81 -16.82
C GLN B 71 8.02 -10.11 -16.49
N ASP B 72 9.13 -10.68 -16.95
CA ASP B 72 10.45 -10.11 -16.69
C ASP B 72 10.75 -8.95 -17.65
N ASP B 73 10.13 -8.98 -18.82
CA ASP B 73 10.34 -7.94 -19.82
C ASP B 73 9.20 -6.93 -19.82
N LEU B 74 8.65 -6.65 -18.65
CA LEU B 74 7.55 -5.69 -18.53
C LEU B 74 8.01 -4.32 -19.02
N PRO B 75 7.32 -3.76 -20.03
CA PRO B 75 7.64 -2.42 -20.52
C PRO B 75 7.59 -1.39 -19.41
N ALA B 76 8.47 -0.40 -19.49
CA ALA B 76 8.56 0.66 -18.49
C ALA B 76 7.23 1.36 -18.29
N GLU B 77 6.47 1.49 -19.37
CA GLU B 77 5.19 2.19 -19.32
C GLU B 77 4.16 1.51 -18.40
N LEU B 78 4.37 0.24 -18.10
CA LEU B 78 3.39 -0.54 -17.33
C LEU B 78 3.76 -0.64 -15.87
N GLU B 79 4.92 -0.08 -15.51
CA GLU B 79 5.44 -0.26 -14.15
C GLU B 79 4.54 0.31 -13.06
N ALA B 80 4.05 1.53 -13.25
CA ALA B 80 3.17 2.16 -12.27
C ALA B 80 1.91 1.33 -12.00
N TYR B 81 1.26 0.89 -13.07
CA TYR B 81 0.09 0.02 -12.97
C TYR B 81 0.43 -1.32 -12.29
N ILE B 82 1.47 -2.01 -12.77
CA ILE B 82 1.77 -3.33 -12.22
C ILE B 82 2.18 -3.24 -10.75
N ASN B 83 2.90 -2.18 -10.39
CA ASN B 83 3.27 -1.99 -8.99
C ASN B 83 2.06 -1.82 -8.07
N VAL B 84 0.98 -1.22 -8.58
CA VAL B 84 -0.24 -1.18 -7.78
C VAL B 84 -0.80 -2.60 -7.59
N VAL B 85 -0.82 -3.37 -8.66
CA VAL B 85 -1.31 -4.75 -8.58
C VAL B 85 -0.49 -5.57 -7.59
N LYS B 86 0.82 -5.38 -7.63
CA LYS B 86 1.73 -6.11 -6.74
C LYS B 86 1.48 -5.76 -5.28
N HIS B 87 1.12 -4.50 -5.03
CA HIS B 87 0.87 -4.07 -3.67
C HIS B 87 -0.27 -4.83 -3.00
N PHE B 88 -1.25 -5.22 -3.80
CA PHE B 88 -2.41 -5.95 -3.30
C PHE B 88 -2.21 -7.47 -3.33
N ASN B 89 -1.03 -7.92 -3.74
CA ASN B 89 -0.71 -9.36 -3.84
C ASN B 89 0.73 -9.65 -3.37
N ARG B 90 1.05 -9.25 -2.15
CA ARG B 90 2.46 -9.26 -1.72
C ARG B 90 3.02 -10.65 -1.47
N SER B 91 2.13 -11.63 -1.45
CA SER B 91 2.54 -13.02 -1.31
C SER B 91 3.05 -13.53 -2.63
N GLY B 92 2.75 -12.79 -3.70
CA GLY B 92 3.18 -13.20 -5.03
C GLY B 92 2.19 -14.14 -5.69
N GLN B 93 1.16 -14.53 -4.95
CA GLN B 93 0.06 -15.29 -5.52
C GLN B 93 -0.97 -14.29 -6.02
N LEU B 94 -1.55 -14.54 -7.19
CA LEU B 94 -2.53 -13.61 -7.74
C LEU B 94 -3.92 -13.87 -7.16
N ARG B 95 -4.29 -13.14 -6.10
CA ARG B 95 -5.56 -13.37 -5.42
C ARG B 95 -6.51 -12.18 -5.50
N TYR B 96 -5.95 -10.99 -5.64
CA TYR B 96 -6.79 -9.78 -5.62
C TYR B 96 -6.46 -8.82 -6.76
N TYR B 97 -7.47 -8.09 -7.24
CA TYR B 97 -7.23 -7.15 -8.32
C TYR B 97 -7.78 -5.76 -7.98
N PRO B 98 -6.95 -4.72 -8.12
CA PRO B 98 -7.43 -3.36 -7.83
C PRO B 98 -8.18 -2.75 -9.01
N GLY B 99 -9.40 -2.30 -8.75
CA GLY B 99 -10.18 -1.61 -9.77
C GLY B 99 -9.71 -0.18 -9.96
N SER B 100 -10.28 0.50 -10.95
CA SER B 100 -9.93 1.90 -11.20
C SER B 100 -9.84 2.81 -9.97
N PRO B 101 -10.77 2.71 -9.00
CA PRO B 101 -10.63 3.59 -7.84
C PRO B 101 -9.36 3.38 -7.01
N LEU B 102 -8.90 2.14 -6.90
CA LEU B 102 -7.71 1.83 -6.10
C LEU B 102 -6.44 2.17 -6.85
N ILE B 103 -6.45 1.98 -8.15
CA ILE B 103 -5.33 2.41 -8.97
C ILE B 103 -5.17 3.91 -8.79
N ALA B 104 -6.29 4.63 -8.84
CA ALA B 104 -6.24 6.07 -8.64
C ALA B 104 -5.77 6.36 -7.20
N ARG B 105 -6.28 5.62 -6.23
CA ARG B 105 -5.95 5.94 -4.83
C ARG B 105 -4.44 5.87 -4.55
N LEU B 106 -3.76 4.91 -5.19
CA LEU B 106 -2.34 4.70 -4.92
C LEU B 106 -1.43 5.53 -5.83
N LEU B 107 -1.94 6.01 -6.96
CA LEU B 107 -1.16 6.86 -7.86
C LEU B 107 -1.35 8.36 -7.60
N LEU B 108 -2.50 8.77 -7.10
CA LEU B 108 -2.74 10.20 -6.83
C LEU B 108 -1.84 10.68 -5.71
N ARG B 109 -1.64 12.00 -5.62
CA ARG B 109 -0.78 12.58 -4.60
C ARG B 109 -1.62 13.11 -3.46
N GLU B 110 -0.99 13.64 -2.42
CA GLU B 110 -1.71 14.17 -1.25
C GLU B 110 -2.69 15.30 -1.65
N GLN B 111 -2.34 16.09 -2.66
CA GLN B 111 -3.15 17.27 -2.97
C GLN B 111 -4.29 16.98 -3.95
N ASP B 112 -4.33 15.76 -4.50
CA ASP B 112 -5.33 15.43 -5.51
C ASP B 112 -6.63 14.93 -4.88
N SER B 113 -7.70 14.87 -5.67
CA SER B 113 -8.97 14.46 -5.12
CA SER B 113 -9.01 14.51 -5.16
C SER B 113 -9.67 13.40 -5.97
N LEU B 114 -10.52 12.61 -5.32
CA LEU B 114 -11.27 11.57 -6.02
C LEU B 114 -12.76 11.73 -5.78
N GLN B 115 -13.54 11.57 -6.85
CA GLN B 115 -14.99 11.57 -6.73
C GLN B 115 -15.57 10.36 -7.46
N LEU B 116 -16.15 9.47 -6.66
CA LEU B 116 -16.52 8.15 -7.16
C LEU B 116 -17.99 7.89 -6.93
N THR B 117 -18.64 7.27 -7.89
CA THR B 117 -20.02 6.87 -7.73
C THR B 117 -20.22 5.40 -8.14
N GLU B 118 -21.13 4.72 -7.46
CA GLU B 118 -21.45 3.34 -7.77
C GLU B 118 -22.86 3.08 -7.30
N LEU B 119 -23.70 2.52 -8.16
CA LEU B 119 -25.11 2.30 -7.83
C LEU B 119 -25.44 0.95 -7.19
N HIS B 120 -24.68 -0.10 -7.53
CA HIS B 120 -25.06 -1.43 -7.07
C HIS B 120 -25.05 -1.51 -5.55
N PRO B 121 -26.13 -2.05 -4.95
CA PRO B 121 -26.26 -2.01 -3.50
C PRO B 121 -25.32 -2.96 -2.74
N SER B 122 -24.68 -3.89 -3.44
CA SER B 122 -23.65 -4.70 -2.80
C SER B 122 -22.28 -4.06 -2.99
N ASP B 123 -22.04 -3.56 -4.19
CA ASP B 123 -20.73 -3.00 -4.53
C ASP B 123 -20.45 -1.62 -3.94
N TYR B 124 -21.47 -0.78 -3.81
CA TYR B 124 -21.29 0.53 -3.17
C TYR B 124 -20.73 0.49 -1.72
N PRO B 125 -21.30 -0.37 -0.84
CA PRO B 125 -20.73 -0.45 0.50
C PRO B 125 -19.27 -0.93 0.50
N LEU B 126 -18.94 -1.82 -0.43
CA LEU B 126 -17.54 -2.25 -0.56
C LEU B 126 -16.64 -1.08 -0.96
N LEU B 127 -17.07 -0.30 -1.95
CA LEU B 127 -16.30 0.87 -2.38
C LEU B 127 -16.13 1.90 -1.27
N ARG B 128 -17.22 2.17 -0.57
CA ARG B 128 -17.17 3.11 0.54
CA ARG B 128 -17.18 3.11 0.54
C ARG B 128 -16.15 2.68 1.58
N SER B 129 -16.13 1.40 1.89
CA SER B 129 -15.19 0.89 2.89
C SER B 129 -13.72 1.07 2.46
N GLU B 130 -13.44 1.01 1.17
CA GLU B 130 -12.09 1.25 0.68
C GLU B 130 -11.60 2.69 0.93
N PHE B 131 -12.54 3.61 1.12
CA PHE B 131 -12.16 5.04 1.19
C PHE B 131 -12.52 5.75 2.50
N GLN B 132 -13.01 5.00 3.48
CA GLN B 132 -13.36 5.58 4.77
C GLN B 132 -12.17 6.25 5.46
N LYS B 133 -10.96 5.76 5.22
CA LYS B 133 -9.77 6.31 5.85
C LYS B 133 -9.00 7.27 4.95
N ASP B 134 -9.64 7.77 3.89
CA ASP B 134 -8.93 8.64 2.93
C ASP B 134 -9.79 9.86 2.60
N SER B 135 -9.49 10.97 3.26
CA SER B 135 -10.29 12.18 3.13
C SER B 135 -10.22 12.83 1.75
N ARG B 136 -9.32 12.35 0.89
CA ARG B 136 -9.20 12.89 -0.47
C ARG B 136 -10.38 12.45 -1.34
N ALA B 137 -11.08 11.41 -0.92
CA ALA B 137 -12.13 10.83 -1.75
C ALA B 137 -13.54 11.15 -1.23
N ARG B 138 -14.46 11.27 -2.18
CA ARG B 138 -15.88 11.33 -1.88
C ARG B 138 -16.54 10.19 -2.67
N VAL B 139 -17.32 9.36 -1.98
CA VAL B 139 -17.98 8.23 -2.61
C VAL B 139 -19.49 8.34 -2.43
N GLU B 140 -20.24 8.31 -3.53
CA GLU B 140 -21.70 8.43 -3.44
C GLU B 140 -22.42 7.33 -4.19
N LYS B 141 -23.56 6.92 -3.63
CA LYS B 141 -24.45 5.98 -4.29
C LYS B 141 -25.41 6.83 -5.13
N ALA B 142 -25.03 7.06 -6.37
CA ALA B 142 -25.76 7.96 -7.23
C ALA B 142 -25.40 7.65 -8.67
N ASP B 143 -26.18 8.18 -9.60
CA ASP B 143 -25.97 7.97 -11.03
C ASP B 143 -24.71 8.69 -11.51
N GLY B 144 -23.80 7.90 -12.07
CA GLY B 144 -22.52 8.41 -12.53
C GLY B 144 -22.66 9.45 -13.62
N PHE B 145 -23.59 9.25 -14.54
CA PHE B 145 -23.76 10.17 -15.67
C PHE B 145 -24.11 11.58 -15.16
N GLN B 146 -24.87 11.63 -14.07
CA GLN B 146 -25.26 12.91 -13.48
C GLN B 146 -24.06 13.69 -12.92
N GLN B 147 -22.99 12.98 -12.53
CA GLN B 147 -21.79 13.64 -11.99
C GLN B 147 -21.08 14.49 -13.04
N LEU B 148 -21.31 14.17 -14.30
CA LEU B 148 -20.68 14.91 -15.36
C LEU B 148 -21.26 16.31 -15.43
N LYS B 149 -22.44 16.50 -14.83
CA LYS B 149 -22.98 17.85 -14.65
C LYS B 149 -22.65 18.40 -13.27
N ALA B 150 -22.85 17.59 -12.23
CA ALA B 150 -22.77 18.06 -10.86
C ALA B 150 -21.34 18.37 -10.37
N LYS B 151 -20.35 17.67 -10.92
CA LYS B 151 -18.98 17.74 -10.39
C LYS B 151 -17.98 18.43 -11.30
N LEU B 152 -18.46 18.91 -12.43
CA LEU B 152 -17.59 19.58 -13.40
C LEU B 152 -18.06 21.03 -13.62
N PRO B 153 -17.11 21.97 -13.74
CA PRO B 153 -15.66 21.78 -13.70
C PRO B 153 -15.18 21.68 -12.26
N PRO B 154 -14.03 21.02 -12.03
CA PRO B 154 -13.48 20.91 -10.68
C PRO B 154 -12.91 22.24 -10.23
N VAL B 155 -12.84 22.44 -8.92
CA VAL B 155 -12.25 23.66 -8.38
C VAL B 155 -10.79 23.82 -8.85
N SER B 156 -10.08 22.70 -8.94
CA SER B 156 -8.69 22.68 -9.38
C SER B 156 -8.50 22.98 -10.87
N ARG B 157 -9.58 22.84 -11.63
CA ARG B 157 -9.53 23.04 -13.09
C ARG B 157 -8.58 22.09 -13.85
N ARG B 158 -8.29 20.95 -13.24
CA ARG B 158 -7.50 19.90 -13.90
C ARG B 158 -8.17 18.58 -13.64
N GLY B 159 -8.19 17.69 -14.62
CA GLY B 159 -8.65 16.35 -14.37
C GLY B 159 -8.76 15.28 -15.38
N LEU B 160 -8.88 14.07 -14.84
CA LEU B 160 -9.17 12.86 -15.57
C LEU B 160 -10.56 12.37 -15.20
N ILE B 161 -11.39 12.17 -16.18
CA ILE B 161 -12.75 11.73 -15.96
C ILE B 161 -12.86 10.38 -16.63
N LEU B 162 -12.98 9.34 -15.83
CA LEU B 162 -13.12 8.01 -16.38
C LEU B 162 -14.60 7.63 -16.42
N ILE B 163 -15.05 7.23 -17.60
CA ILE B 163 -16.44 6.82 -17.81
C ILE B 163 -16.42 5.36 -18.26
N ASP B 164 -16.85 4.48 -17.36
CA ASP B 164 -16.64 3.04 -17.58
C ASP B 164 -17.91 2.22 -17.29
N PRO B 165 -19.00 2.49 -18.01
CA PRO B 165 -20.26 1.78 -17.73
C PRO B 165 -20.23 0.31 -18.14
N PRO B 166 -21.19 -0.48 -17.67
CA PRO B 166 -21.23 -1.92 -17.99
C PRO B 166 -21.94 -2.20 -19.30
N TYR B 167 -22.70 -1.23 -19.81
CA TYR B 167 -23.49 -1.41 -21.02
C TYR B 167 -24.49 -2.55 -20.93
N GLU B 168 -24.95 -2.84 -19.71
CA GLU B 168 -26.05 -3.77 -19.48
C GLU B 168 -27.32 -3.16 -20.08
N MET B 169 -27.55 -1.87 -19.79
CA MET B 169 -28.62 -1.09 -20.41
C MET B 169 -28.11 -0.53 -21.73
N LYS B 170 -28.89 -0.72 -22.79
CA LYS B 170 -28.47 -0.31 -24.11
C LYS B 170 -28.46 1.21 -24.26
N THR B 171 -29.14 1.89 -23.34
CA THR B 171 -29.11 3.34 -23.31
C THR B 171 -27.71 3.89 -22.99
N ASP B 172 -26.86 3.05 -22.40
CA ASP B 172 -25.48 3.46 -22.13
C ASP B 172 -24.77 3.98 -23.36
N TYR B 173 -25.07 3.40 -24.53
CA TYR B 173 -24.36 3.78 -25.74
C TYR B 173 -24.64 5.23 -26.16
N GLN B 174 -25.83 5.72 -25.81
CA GLN B 174 -26.19 7.12 -26.02
C GLN B 174 -25.79 7.96 -24.81
N ALA B 175 -25.97 7.40 -23.62
CA ALA B 175 -25.74 8.14 -22.38
C ALA B 175 -24.29 8.59 -22.23
N VAL B 176 -23.35 7.77 -22.71
CA VAL B 176 -21.94 8.13 -22.63
C VAL B 176 -21.64 9.37 -23.47
N VAL B 177 -22.26 9.44 -24.64
CA VAL B 177 -22.01 10.54 -25.57
C VAL B 177 -22.64 11.83 -25.07
N SER B 178 -23.89 11.75 -24.64
CA SER B 178 -24.56 12.94 -24.11
CA SER B 178 -24.58 12.92 -24.09
C SER B 178 -23.90 13.39 -22.80
N GLY B 179 -23.43 12.44 -22.01
CA GLY B 179 -22.73 12.76 -20.79
C GLY B 179 -21.39 13.44 -21.06
N ILE B 180 -20.65 12.91 -22.03
CA ILE B 180 -19.40 13.54 -22.42
C ILE B 180 -19.66 14.95 -22.93
N ALA B 181 -20.72 15.12 -23.70
CA ALA B 181 -21.07 16.43 -24.24
C ALA B 181 -21.36 17.41 -23.09
N GLU B 182 -22.12 16.96 -22.10
CA GLU B 182 -22.44 17.80 -20.95
C GLU B 182 -21.19 18.16 -20.15
N GLY B 183 -20.31 17.18 -19.92
CA GLY B 183 -19.11 17.44 -19.14
C GLY B 183 -18.19 18.39 -19.87
N TYR B 184 -17.97 18.13 -21.15
CA TYR B 184 -17.07 18.91 -21.96
C TYR B 184 -17.54 20.37 -22.00
N LYS B 185 -18.85 20.56 -22.07
CA LYS B 185 -19.44 21.89 -22.05
C LYS B 185 -18.99 22.63 -20.79
N ARG B 186 -19.00 21.92 -19.66
CA ARG B 186 -18.64 22.52 -18.38
C ARG B 186 -17.14 22.59 -18.14
N PHE B 187 -16.40 21.71 -18.81
CA PHE B 187 -14.99 21.55 -18.50
C PHE B 187 -14.26 21.02 -19.73
N ALA B 188 -13.97 21.92 -20.65
CA ALA B 188 -13.44 21.57 -21.97
C ALA B 188 -11.98 21.16 -22.02
N THR B 189 -11.24 21.43 -20.95
CA THR B 189 -9.85 21.05 -20.91
C THR B 189 -9.64 19.78 -20.10
N GLY B 190 -10.73 19.15 -19.66
CA GLY B 190 -10.62 17.89 -18.93
C GLY B 190 -10.14 16.77 -19.83
N ILE B 191 -9.46 15.78 -19.24
CA ILE B 191 -9.15 14.58 -19.99
C ILE B 191 -10.25 13.56 -19.72
N TYR B 192 -10.96 13.17 -20.77
CA TYR B 192 -12.05 12.22 -20.62
C TYR B 192 -11.60 10.87 -21.18
N ALA B 193 -11.70 9.82 -20.36
CA ALA B 193 -11.35 8.49 -20.84
C ALA B 193 -12.61 7.63 -20.82
N LEU B 194 -13.06 7.20 -21.99
CA LEU B 194 -14.26 6.39 -22.12
C LEU B 194 -13.91 4.93 -22.50
N TRP B 195 -14.26 3.99 -21.65
CA TRP B 195 -14.09 2.57 -21.98
C TRP B 195 -15.33 2.02 -22.69
N TYR B 196 -15.13 1.20 -23.72
CA TYR B 196 -16.26 0.57 -24.43
C TYR B 196 -15.97 -0.89 -24.79
N PRO B 197 -17.02 -1.73 -24.80
CA PRO B 197 -16.90 -3.13 -25.25
C PRO B 197 -17.29 -3.26 -26.70
N VAL B 198 -16.69 -4.23 -27.39
CA VAL B 198 -17.17 -4.59 -28.70
C VAL B 198 -17.92 -5.91 -28.61
N VAL B 199 -19.23 -5.82 -28.34
CA VAL B 199 -20.11 -6.96 -28.42
C VAL B 199 -20.83 -6.91 -29.77
N LEU B 200 -21.17 -5.70 -30.19
CA LEU B 200 -21.71 -5.46 -31.53
C LEU B 200 -21.03 -4.24 -32.12
N ARG B 201 -20.17 -4.46 -33.12
CA ARG B 201 -19.42 -3.38 -33.76
C ARG B 201 -20.31 -2.23 -34.23
N GLN B 202 -21.51 -2.56 -34.71
CA GLN B 202 -22.42 -1.55 -35.22
C GLN B 202 -22.84 -0.55 -34.13
N GLN B 203 -23.01 -1.02 -32.90
CA GLN B 203 -23.32 -0.14 -31.78
CA GLN B 203 -23.33 -0.13 -31.79
C GLN B 203 -22.17 0.85 -31.59
N ILE B 204 -20.97 0.33 -31.70
CA ILE B 204 -19.77 1.13 -31.53
C ILE B 204 -19.63 2.14 -32.66
N LYS B 205 -19.85 1.68 -33.89
CA LYS B 205 -19.81 2.57 -35.04
C LYS B 205 -20.78 3.76 -34.88
N ARG B 206 -22.00 3.47 -34.44
CA ARG B 206 -22.98 4.53 -34.24
C ARG B 206 -22.57 5.44 -33.07
N MET B 207 -22.07 4.85 -32.00
CA MET B 207 -21.59 5.61 -30.83
C MET B 207 -20.49 6.59 -31.24
N ILE B 208 -19.54 6.12 -32.04
CA ILE B 208 -18.44 6.97 -32.49
C ILE B 208 -18.93 8.10 -33.42
N HIS B 209 -19.91 7.78 -34.27
CA HIS B 209 -20.51 8.75 -35.15
C HIS B 209 -21.17 9.85 -34.31
N ASP B 210 -21.94 9.43 -33.31
CA ASP B 210 -22.62 10.35 -32.41
C ASP B 210 -21.62 11.21 -31.65
N LEU B 211 -20.47 10.61 -31.30
CA LEU B 211 -19.43 11.36 -30.60
C LEU B 211 -18.82 12.42 -31.52
N GLU B 212 -18.62 12.07 -32.79
CA GLU B 212 -18.13 13.03 -33.77
C GLU B 212 -19.11 14.18 -33.96
N ALA B 213 -20.39 13.88 -33.91
CA ALA B 213 -21.42 14.89 -34.12
C ALA B 213 -21.46 15.97 -33.02
N THR B 214 -20.78 15.74 -31.90
CA THR B 214 -20.71 16.75 -30.84
C THR B 214 -19.81 17.92 -31.18
N GLY B 215 -18.95 17.76 -32.17
CA GLY B 215 -18.01 18.79 -32.57
C GLY B 215 -16.74 18.82 -31.75
N ILE B 216 -16.67 17.96 -30.73
CA ILE B 216 -15.50 17.88 -29.86
C ILE B 216 -14.27 17.41 -30.63
N ARG B 217 -13.13 18.06 -30.40
CA ARG B 217 -11.89 17.77 -31.10
C ARG B 217 -10.89 17.00 -30.24
N LYS B 218 -9.80 16.55 -30.86
CA LYS B 218 -8.71 15.84 -30.18
C LYS B 218 -9.21 14.58 -29.49
N ILE B 219 -9.71 13.64 -30.29
CA ILE B 219 -10.29 12.42 -29.76
C ILE B 219 -9.49 11.21 -30.24
N LEU B 220 -8.82 10.55 -29.29
CA LEU B 220 -7.92 9.45 -29.60
C LEU B 220 -8.62 8.11 -29.31
N GLN B 221 -8.41 7.11 -30.16
CA GLN B 221 -9.03 5.80 -29.95
C GLN B 221 -7.98 4.72 -29.82
N ILE B 222 -8.05 3.97 -28.74
CA ILE B 222 -7.11 2.87 -28.49
C ILE B 222 -7.92 1.59 -28.31
N GLU B 223 -7.72 0.61 -29.19
CA GLU B 223 -8.52 -0.61 -29.15
C GLU B 223 -7.65 -1.86 -29.11
N LEU B 224 -8.03 -2.83 -28.28
CA LEU B 224 -7.36 -4.12 -28.25
C LEU B 224 -8.36 -5.23 -28.43
N ALA B 225 -8.24 -5.96 -29.54
CA ALA B 225 -9.14 -7.06 -29.84
C ALA B 225 -8.46 -8.41 -29.62
N VAL B 226 -9.12 -9.33 -28.92
CA VAL B 226 -8.58 -10.68 -28.73
C VAL B 226 -9.11 -11.62 -29.80
N LEU B 227 -10.21 -11.24 -30.45
CA LEU B 227 -10.82 -12.01 -31.53
C LEU B 227 -11.38 -11.04 -32.55
N PRO B 228 -11.56 -11.49 -33.80
CA PRO B 228 -12.17 -10.61 -34.80
C PRO B 228 -13.64 -10.35 -34.46
N ASP B 229 -14.20 -9.27 -35.01
CA ASP B 229 -15.62 -8.98 -34.83
C ASP B 229 -16.50 -10.15 -35.27
N SER B 230 -17.56 -10.43 -34.53
CA SER B 230 -18.57 -11.40 -34.96
CA SER B 230 -18.56 -11.41 -34.95
C SER B 230 -19.96 -11.03 -34.44
N ASP B 231 -20.99 -11.60 -35.05
CA ASP B 231 -22.36 -11.27 -34.64
C ASP B 231 -22.86 -12.15 -33.51
N ARG B 232 -22.01 -13.03 -33.02
CA ARG B 232 -22.33 -13.88 -31.90
C ARG B 232 -22.33 -13.14 -30.57
N ARG B 233 -22.61 -13.86 -29.50
CA ARG B 233 -22.87 -13.23 -28.21
C ARG B 233 -21.74 -12.38 -27.60
N GLY B 234 -20.54 -12.93 -27.57
CA GLY B 234 -19.46 -12.44 -26.75
C GLY B 234 -18.75 -11.17 -27.16
N MET B 235 -18.16 -10.51 -26.17
CA MET B 235 -17.32 -9.33 -26.41
C MET B 235 -15.98 -9.80 -26.96
N THR B 236 -15.62 -9.28 -28.12
CA THR B 236 -14.42 -9.73 -28.82
C THR B 236 -13.27 -8.74 -28.71
N ALA B 237 -13.59 -7.54 -28.21
CA ALA B 237 -12.61 -6.47 -28.14
C ALA B 237 -13.08 -5.44 -27.14
N SER B 238 -12.17 -4.55 -26.75
CA SER B 238 -12.55 -3.36 -26.00
C SER B 238 -11.58 -2.23 -26.33
N GLY B 239 -11.99 -1.00 -26.05
CA GLY B 239 -11.13 0.14 -26.29
C GLY B 239 -11.27 1.26 -25.29
N MET B 240 -10.38 2.23 -25.39
CA MET B 240 -10.48 3.47 -24.64
C MET B 240 -10.55 4.63 -25.64
N ILE B 241 -11.58 5.44 -25.49
CA ILE B 241 -11.67 6.69 -26.24
C ILE B 241 -11.26 7.83 -25.31
N VAL B 242 -10.19 8.53 -25.70
CA VAL B 242 -9.63 9.59 -24.86
C VAL B 242 -9.70 10.98 -25.52
N ILE B 243 -10.40 11.89 -24.86
CA ILE B 243 -10.55 13.28 -25.28
C ILE B 243 -9.54 14.14 -24.55
N ASN B 244 -8.82 14.98 -25.31
CA ASN B 244 -7.66 15.73 -24.80
C ASN B 244 -6.58 14.82 -24.21
N PRO B 245 -6.17 13.77 -24.96
CA PRO B 245 -5.15 12.90 -24.37
C PRO B 245 -3.86 13.69 -24.13
N PRO B 246 -3.08 13.32 -23.11
CA PRO B 246 -1.74 13.89 -22.92
C PRO B 246 -0.85 13.57 -24.12
N TRP B 247 0.16 14.39 -24.39
CA TRP B 247 0.99 14.27 -25.63
C TRP B 247 1.72 12.96 -25.73
N LYS B 248 2.06 12.38 -24.59
CA LYS B 248 2.81 11.12 -24.58
C LYS B 248 1.95 9.92 -24.89
N LEU B 249 0.64 10.07 -24.68
CA LEU B 249 -0.20 8.88 -24.65
C LEU B 249 -0.15 8.06 -25.93
N GLU B 250 -0.25 8.73 -27.08
CA GLU B 250 -0.23 8.01 -28.36
C GLU B 250 1.07 7.22 -28.57
N GLN B 251 2.20 7.87 -28.33
CA GLN B 251 3.49 7.21 -28.44
C GLN B 251 3.65 6.09 -27.43
N GLN B 252 3.16 6.31 -26.21
CA GLN B 252 3.24 5.29 -25.17
C GLN B 252 2.43 4.06 -25.55
N MET B 253 1.24 4.28 -26.10
CA MET B 253 0.40 3.17 -26.53
C MET B 253 0.98 2.47 -27.75
N ASN B 254 1.57 3.24 -28.65
CA ASN B 254 2.32 2.66 -29.77
C ASN B 254 3.48 1.79 -29.27
N ASN B 255 4.10 2.21 -28.17
CA ASN B 255 5.21 1.44 -27.60
C ASN B 255 4.79 0.12 -26.95
N VAL B 256 3.63 0.08 -26.32
CA VAL B 256 3.28 -1.10 -25.53
C VAL B 256 2.22 -2.03 -26.12
N LEU B 257 1.41 -1.51 -27.05
CA LEU B 257 0.32 -2.31 -27.60
C LEU B 257 0.73 -3.62 -28.28
N PRO B 258 1.82 -3.62 -29.07
CA PRO B 258 2.27 -4.92 -29.59
C PRO B 258 2.68 -5.91 -28.48
N TRP B 259 3.42 -5.44 -27.48
CA TRP B 259 3.82 -6.30 -26.39
C TRP B 259 2.58 -6.82 -25.64
N LEU B 260 1.70 -5.91 -25.25
CA LEU B 260 0.47 -6.27 -24.55
C LEU B 260 -0.33 -7.28 -25.36
N HIS B 261 -0.50 -7.02 -26.66
CA HIS B 261 -1.31 -7.92 -27.47
C HIS B 261 -0.66 -9.31 -27.58
N SER B 262 0.67 -9.34 -27.62
CA SER B 262 1.41 -10.60 -27.73
CA SER B 262 1.40 -10.60 -27.74
C SER B 262 1.23 -11.47 -26.49
N LYS B 263 1.20 -10.83 -25.33
CA LYS B 263 1.08 -11.55 -24.07
C LYS B 263 -0.37 -11.96 -23.77
N LEU B 264 -1.31 -11.05 -24.05
CA LEU B 264 -2.71 -11.32 -23.77
C LEU B 264 -3.32 -12.29 -24.78
N VAL B 265 -2.80 -12.29 -26.00
CA VAL B 265 -3.35 -13.09 -27.08
C VAL B 265 -2.26 -13.90 -27.79
N PRO B 266 -1.78 -14.97 -27.13
CA PRO B 266 -0.66 -15.75 -27.70
C PRO B 266 -0.95 -16.31 -29.09
N ALA B 267 -2.22 -16.55 -29.39
CA ALA B 267 -2.62 -17.05 -30.70
C ALA B 267 -2.55 -15.99 -31.81
N GLY B 268 -2.43 -14.71 -31.43
CA GLY B 268 -2.27 -13.65 -32.41
C GLY B 268 -3.55 -13.21 -33.11
N THR B 269 -4.70 -13.67 -32.64
CA THR B 269 -5.95 -13.24 -33.24
C THR B 269 -6.34 -11.82 -32.80
N GLY B 270 -7.27 -11.21 -33.53
CA GLY B 270 -7.69 -9.86 -33.21
C GLY B 270 -6.69 -8.84 -33.69
N HIS B 271 -6.51 -7.76 -32.92
CA HIS B 271 -5.62 -6.66 -33.28
C HIS B 271 -5.42 -5.72 -32.11
N ALA B 272 -4.50 -4.78 -32.27
CA ALA B 272 -4.35 -3.70 -31.30
C ALA B 272 -3.87 -2.45 -32.01
N THR B 273 -4.64 -1.37 -31.90
CA THR B 273 -4.40 -0.17 -32.69
C THR B 273 -4.62 1.10 -31.87
N VAL B 274 -3.95 2.17 -32.28
CA VAL B 274 -4.26 3.49 -31.75
C VAL B 274 -4.41 4.46 -32.92
N SER B 275 -5.51 5.19 -32.95
CA SER B 275 -5.75 6.10 -34.06
C SER B 275 -6.62 7.27 -33.59
N TRP B 276 -6.68 8.31 -34.40
CA TRP B 276 -7.50 9.47 -34.07
C TRP B 276 -8.90 9.38 -34.68
N ILE B 277 -9.91 9.54 -33.83
CA ILE B 277 -11.28 9.67 -34.29
C ILE B 277 -11.46 11.10 -34.79
N VAL B 278 -11.00 12.06 -34.00
CA VAL B 278 -10.96 13.47 -34.40
C VAL B 278 -9.60 14.06 -34.06
N PRO B 279 -8.84 14.48 -35.09
CA PRO B 279 -7.47 14.99 -34.91
C PRO B 279 -7.40 16.38 -34.26
P AMP C . 3.58 2.57 34.39
O1P AMP C . 4.36 2.31 35.66
O2P AMP C . 2.63 3.75 34.44
O3P AMP C . 2.95 1.32 33.80
O5' AMP C . 4.70 2.97 33.32
C5' AMP C . 5.77 3.84 33.65
C4' AMP C . 5.84 5.04 32.74
O4' AMP C . 6.35 4.64 31.43
C3' AMP C . 4.50 5.74 32.47
O3' AMP C . 4.70 7.15 32.44
C2' AMP C . 4.14 5.26 31.07
O2' AMP C . 3.27 6.11 30.36
C1' AMP C . 5.52 5.15 30.43
N9 AMP C . 5.58 4.29 29.24
C8 AMP C . 5.36 2.96 29.19
N7 AMP C . 5.51 2.49 27.91
C5 AMP C . 5.83 3.55 27.12
C6 AMP C . 6.12 3.79 25.69
N6 AMP C . 6.10 2.79 24.77
N1 AMP C . 6.41 5.04 25.29
C2 AMP C . 6.43 6.05 26.17
N3 AMP C . 6.19 5.91 27.48
C4 AMP C . 5.86 4.71 28.01
N SAH D . 5.57 -4.45 18.48
CA SAH D . 4.48 -3.48 18.34
CB SAH D . 4.01 -2.90 19.68
CG SAH D . 3.73 -3.90 20.79
SD SAH D . 3.31 -3.07 22.33
C SAH D . 4.84 -2.30 17.43
O SAH D . 3.96 -1.69 16.82
OXT SAH D . 6.00 -1.95 17.31
C5' SAH D . 3.42 -4.58 23.34
C4' SAH D . 2.26 -5.57 23.13
O4' SAH D . 2.47 -6.82 23.78
C3' SAH D . 0.91 -5.11 23.62
O3' SAH D . 0.06 -5.05 22.50
C2' SAH D . 0.42 -6.20 24.59
O2' SAH D . -0.96 -6.50 24.49
C1' SAH D . 1.20 -7.39 24.13
N9 SAH D . 1.61 -8.38 25.11
C8 SAH D . 1.91 -8.23 26.44
N7 SAH D . 2.38 -9.43 26.86
C5 SAH D . 2.39 -10.29 25.83
C6 SAH D . 2.76 -11.63 25.72
N6 SAH D . 3.22 -12.29 26.76
N1 SAH D . 2.64 -12.25 24.50
C2 SAH D . 2.17 -11.58 23.39
N3 SAH D . 1.80 -10.27 23.51
C4 SAH D . 1.91 -9.65 24.72
C1 GOL E . 22.39 -24.73 17.26
O1 GOL E . 21.91 -25.78 16.46
C2 GOL E . 22.86 -23.60 16.35
O2 GOL E . 22.03 -22.45 16.38
C3 GOL E . 24.22 -23.31 16.94
O3 GOL E . 25.18 -23.82 16.05
C1 GOL F . 16.36 -23.48 3.93
O1 GOL F . 17.68 -23.33 4.47
C2 GOL F . 16.10 -24.94 3.60
O2 GOL F . 17.21 -25.46 2.86
C3 GOL F . 14.84 -25.05 2.76
O3 GOL F . 13.69 -24.85 3.59
C1 EDO G . 26.17 -20.79 19.88
O1 EDO G . 27.14 -20.69 18.82
C2 EDO G . 26.13 -22.24 20.32
O2 EDO G . 25.69 -23.08 19.24
C1 EDO H . 8.80 12.77 23.64
O1 EDO H . 9.38 14.07 23.82
C2 EDO H . 7.53 12.55 24.42
O2 EDO H . 6.61 11.83 23.58
C1 EDO I . 6.07 1.52 0.60
O1 EDO I . 4.70 1.74 0.22
C2 EDO I . 6.30 0.05 1.00
O2 EDO I . 5.99 -0.84 -0.09
C1 EDO J . 0.34 7.97 20.57
O1 EDO J . -0.34 7.33 19.49
C2 EDO J . 0.08 9.46 20.49
O2 EDO J . 0.19 10.08 21.79
C1 EDO K . 21.93 17.18 28.31
O1 EDO K . 23.22 16.82 28.81
C2 EDO K . 20.89 16.38 29.10
O2 EDO K . 19.63 17.05 29.04
C1 EDO L . 19.93 23.53 22.41
O1 EDO L . 21.13 22.98 21.88
C2 EDO L . 18.94 23.73 21.27
O2 EDO L . 17.73 24.29 21.80
C1 EDO M . 9.10 -3.96 -0.27
O1 EDO M . 9.96 -3.02 0.36
C2 EDO M . 9.87 -5.18 -0.76
O2 EDO M . 8.98 -6.08 -1.45
C1 EDO N . 3.07 -16.79 15.49
O1 EDO N . 2.49 -17.28 14.28
C2 EDO N . 4.44 -17.43 15.65
O2 EDO N . 5.08 -16.96 16.83
C1 EDO O . -4.84 -4.54 3.79
O1 EDO O . -5.17 -4.10 5.12
C2 EDO O . -5.24 -6.01 3.63
O2 EDO O . -4.18 -6.84 4.10
NA NA P . 5.93 -0.66 24.99
S SO4 Q . -3.75 -1.32 2.03
O1 SO4 Q . -4.87 -1.06 2.93
O2 SO4 Q . -3.92 -2.62 1.40
O3 SO4 Q . -3.74 -0.29 1.00
O4 SO4 Q . -2.54 -1.32 2.83
P AMP R . -24.93 -9.63 -22.26
O1P AMP R . -25.54 -8.64 -23.23
O2P AMP R . -24.96 -11.07 -22.72
O3P AMP R . -25.34 -9.44 -20.82
O5' AMP R . -23.37 -9.26 -22.29
C5' AMP R . -22.66 -9.16 -23.52
C4' AMP R . -21.39 -10.00 -23.50
O4' AMP R . -20.27 -9.16 -23.13
C3' AMP R . -21.39 -11.18 -22.53
O3' AMP R . -20.67 -12.27 -23.12
C2' AMP R . -20.60 -10.64 -21.34
O2' AMP R . -19.98 -11.62 -20.55
C1' AMP R . -19.58 -9.73 -22.05
N9 AMP R . -19.03 -8.66 -21.21
C8 AMP R . -19.71 -7.63 -20.65
N7 AMP R . -18.87 -6.82 -19.94
C5 AMP R . -17.62 -7.33 -20.05
C6 AMP R . -16.27 -6.98 -19.56
N6 AMP R . -16.05 -5.89 -18.79
N1 AMP R . -15.25 -7.79 -19.92
C2 AMP R . -15.44 -8.89 -20.69
N3 AMP R . -16.64 -9.26 -21.17
C4 AMP R . -17.75 -8.54 -20.88
N SAH S . -14.53 1.32 -13.45
CA SAH S . -14.42 0.09 -12.66
CB SAH S . -15.42 -0.97 -13.10
CG SAH S . -16.86 -0.48 -13.33
SD SAH S . -17.91 -1.77 -14.03
C SAH S . -13.01 -0.46 -12.74
O SAH S . -12.57 -1.15 -11.83
OXT SAH S . -12.29 -0.23 -13.70
C5' SAH S . -19.37 -0.68 -14.18
C4' SAH S . -20.11 -0.39 -12.87
O4' SAH S . -21.12 0.58 -13.06
C3' SAH S . -20.83 -1.59 -12.27
O3' SAH S . -20.20 -1.85 -11.04
C2' SAH S . -22.26 -1.14 -12.05
O2' SAH S . -22.75 -1.52 -10.77
C1' SAH S . -22.13 0.37 -12.08
N9 SAH S . -23.20 1.18 -12.65
C8 SAH S . -24.12 0.90 -13.63
N7 SAH S . -24.84 2.02 -13.86
C5 SAH S . -24.38 3.01 -13.05
C6 SAH S . -24.72 4.34 -12.87
N6 SAH S . -25.71 4.89 -13.56
N1 SAH S . -24.02 5.09 -11.94
C2 SAH S . -23.00 4.57 -11.21
N3 SAH S . -22.67 3.24 -11.40
C4 SAH S . -23.35 2.50 -12.30
C1 GOL T . -3.58 22.42 -17.38
O1 GOL T . -3.47 23.22 -16.21
C2 GOL T . -2.88 21.08 -17.15
O2 GOL T . -1.49 21.19 -17.47
C3 GOL T . -3.53 20.01 -18.03
O3 GOL T . -4.15 19.02 -17.20
C1 EDO U . -21.29 -9.51 -15.53
O1 EDO U . -22.23 -9.27 -14.47
C2 EDO U . -22.04 -9.60 -16.86
O2 EDO U . -21.10 -9.68 -17.93
C1 EDO V . -26.08 0.31 -17.24
O1 EDO V . -25.84 -0.56 -18.35
C2 EDO V . -26.55 -0.44 -15.99
O2 EDO V . -26.84 0.51 -14.97
C1 EDO W . -1.13 -9.13 0.28
O1 EDO W . -0.93 -7.92 -0.46
C2 EDO W . -1.64 -10.25 -0.62
O2 EDO W . -0.79 -11.40 -0.51
C1 EDO X . -14.72 27.37 -21.10
O1 EDO X . -14.87 27.04 -22.49
C2 EDO X . -16.04 27.13 -20.37
O2 EDO X . -15.79 27.02 -18.96
NA NA Y . -17.82 -3.25 -17.89
C1 EDO Z . 4.50 -7.74 -4.15
O1 EDO Z . 5.64 -6.91 -4.10
C2 EDO Z . 4.54 -8.50 -5.47
O2 EDO Z . 3.33 -9.22 -5.63
#